data_5W8S
#
_entry.id   5W8S
#
_cell.length_a   68.016
_cell.length_b   68.016
_cell.length_c   155.139
_cell.angle_alpha   90.000
_cell.angle_beta   90.000
_cell.angle_gamma   120.000
#
_symmetry.space_group_name_H-M   'P 32 2 1'
#
loop_
_entity.id
_entity.type
_entity.pdbx_description
1 polymer 'Lipid-A-disaccharide synthase'
2 non-polymer 'SODIUM ION'
3 non-polymer 'LITHIUM ION'
4 water water
#
_entity_poly.entity_id   1
_entity_poly.type   'polypeptide(L)'
_entity_poly.pdbx_seq_one_letter_code
;MTEQRPLTIALVAGETSGDILGAGLIRALKEHVPNARFVGVAGPRMQAEGCEAWYEMEELAVMGISESSGRSRRSSHIRA
DLTKRFGELKPDVFVGIDAPDFNITLEGNLKKQGIKTIHYVSPSVWAWRQKRVFKIGRATDLVLAFLPFEKAFYDKYNVP
CRFIGHTMADAMPLDPDKNAARDVLGIPHDAHCLALLPGSRGAEVESLSADFLKTAQLLRQTYPDLEIVVPLVNAKRREQ
FERIKAEVAPDLSVHLLDGMGREAMVASDAALLASGTAALECMLSKCPMVVGYRMKPFTFWLAKRLVKTDYVSLPNLLAG
RELVKELLQEECEPQKLAAALLPLLANGKTSHAMHDTFRELHQQIRCNADEQAAQAVLELAQ
;
_entity_poly.pdbx_strand_id   A
#
# COMPACT_ATOMS: atom_id res chain seq x y z
N ARG A 5 19.97 -16.41 -30.34
CA ARG A 5 18.63 -16.13 -29.82
C ARG A 5 18.46 -14.63 -29.60
N PRO A 6 17.33 -14.07 -30.04
CA PRO A 6 17.07 -12.65 -29.77
C PRO A 6 16.78 -12.42 -28.29
N LEU A 7 16.82 -11.14 -27.91
CA LEU A 7 16.57 -10.76 -26.53
C LEU A 7 15.23 -11.34 -26.06
N THR A 8 15.27 -12.06 -24.93
CA THR A 8 14.10 -12.74 -24.39
C THR A 8 13.85 -12.21 -22.98
N ILE A 9 12.73 -11.52 -22.80
CA ILE A 9 12.39 -10.87 -21.54
C ILE A 9 11.16 -11.56 -20.96
N ALA A 10 11.24 -11.96 -19.70
CA ALA A 10 10.11 -12.51 -18.98
C ALA A 10 9.47 -11.43 -18.11
N LEU A 11 8.14 -11.37 -18.14
CA LEU A 11 7.38 -10.34 -17.43
C LEU A 11 6.25 -10.99 -16.65
N VAL A 12 5.97 -10.45 -15.46
CA VAL A 12 4.81 -10.87 -14.68
C VAL A 12 4.11 -9.63 -14.16
N ALA A 13 2.85 -9.47 -14.52
CA ALA A 13 1.99 -8.42 -13.99
C ALA A 13 0.77 -9.07 -13.37
N GLY A 14 0.27 -8.48 -12.28
CA GLY A 14 -0.84 -9.04 -11.56
C GLY A 14 -2.02 -8.11 -11.36
N GLU A 15 -1.99 -6.94 -12.00
CA GLU A 15 -3.07 -5.98 -11.90
C GLU A 15 -3.05 -5.07 -13.12
N THR A 16 -4.18 -4.41 -13.37
CA THR A 16 -4.27 -3.49 -14.50
C THR A 16 -3.13 -2.48 -14.51
N SER A 17 -2.80 -1.93 -13.34
CA SER A 17 -1.72 -0.94 -13.27
C SER A 17 -0.40 -1.56 -13.70
N GLY A 18 -0.19 -2.83 -13.38
CA GLY A 18 1.01 -3.52 -13.86
C GLY A 18 0.96 -3.78 -15.36
N ASP A 19 -0.24 -4.06 -15.89
CA ASP A 19 -0.38 -4.24 -17.33
C ASP A 19 0.00 -2.96 -18.06
N ILE A 20 -0.40 -1.81 -17.53
CA ILE A 20 -0.05 -0.53 -18.14
C ILE A 20 1.46 -0.32 -18.12
N LEU A 21 2.08 -0.54 -16.96
CA LEU A 21 3.54 -0.42 -16.88
C LEU A 21 4.22 -1.39 -17.84
N GLY A 22 3.72 -2.61 -17.93
CA GLY A 22 4.34 -3.60 -18.81
C GLY A 22 4.24 -3.21 -20.27
N ALA A 23 3.06 -2.73 -20.69
CA ALA A 23 2.90 -2.33 -22.08
C ALA A 23 3.87 -1.21 -22.45
N GLY A 24 4.00 -0.21 -21.56
CA GLY A 24 4.92 0.88 -21.83
C GLY A 24 6.36 0.42 -21.89
N LEU A 25 6.74 -0.53 -21.03
CA LEU A 25 8.09 -1.05 -21.06
C LEU A 25 8.37 -1.81 -22.36
N ILE A 26 7.40 -2.62 -22.80
CA ILE A 26 7.59 -3.40 -24.03
C ILE A 26 7.81 -2.48 -25.22
N ARG A 27 6.98 -1.43 -25.34
CA ARG A 27 7.12 -0.50 -26.46
C ARG A 27 8.48 0.17 -26.45
N ALA A 28 8.89 0.71 -25.29
CA ALA A 28 10.19 1.37 -25.20
C ALA A 28 11.32 0.42 -25.55
N LEU A 29 11.22 -0.84 -25.12
CA LEU A 29 12.26 -1.81 -25.45
C LEU A 29 12.29 -2.11 -26.94
N LYS A 30 11.11 -2.23 -27.56
CA LYS A 30 11.07 -2.53 -28.98
C LYS A 30 11.68 -1.42 -29.82
N GLU A 31 11.74 -0.20 -29.30
CA GLU A 31 12.42 0.88 -30.01
C GLU A 31 13.91 0.60 -30.15
N HIS A 32 14.50 -0.09 -29.18
CA HIS A 32 15.92 -0.43 -29.22
C HIS A 32 16.18 -1.83 -29.77
N VAL A 33 15.24 -2.76 -29.62
CA VAL A 33 15.43 -4.14 -30.05
C VAL A 33 14.13 -4.63 -30.69
N PRO A 34 13.84 -4.25 -31.94
CA PRO A 34 12.55 -4.64 -32.54
C PRO A 34 12.32 -6.14 -32.59
N ASN A 35 13.37 -6.95 -32.48
CA ASN A 35 13.24 -8.41 -32.52
C ASN A 35 13.10 -9.03 -31.14
N ALA A 36 12.88 -8.23 -30.10
CA ALA A 36 12.81 -8.77 -28.75
C ALA A 36 11.56 -9.62 -28.57
N ARG A 37 11.69 -10.66 -27.75
CA ARG A 37 10.60 -11.56 -27.43
C ARG A 37 10.17 -11.36 -25.99
N PHE A 38 8.87 -11.34 -25.76
CA PHE A 38 8.31 -11.11 -24.42
C PHE A 38 7.31 -12.22 -24.09
N VAL A 39 7.41 -12.72 -22.86
CA VAL A 39 6.59 -13.84 -22.41
C VAL A 39 6.40 -13.73 -20.91
N GLY A 40 5.29 -14.26 -20.43
CA GLY A 40 5.08 -14.38 -19.00
C GLY A 40 3.59 -14.27 -18.67
N VAL A 41 3.30 -13.51 -17.61
CA VAL A 41 1.94 -13.27 -17.15
C VAL A 41 1.55 -11.86 -17.62
N ALA A 42 0.70 -11.80 -18.63
CA ALA A 42 0.43 -10.56 -19.36
C ALA A 42 -1.05 -10.21 -19.31
N GLY A 43 -1.33 -8.91 -19.19
CA GLY A 43 -2.67 -8.41 -19.34
C GLY A 43 -2.95 -8.06 -20.79
N PRO A 44 -4.17 -7.57 -21.06
CA PRO A 44 -4.54 -7.29 -22.47
C PRO A 44 -3.64 -6.28 -23.16
N ARG A 45 -3.14 -5.28 -22.44
CA ARG A 45 -2.29 -4.29 -23.08
C ARG A 45 -0.92 -4.88 -23.40
N MET A 46 -0.35 -5.66 -22.48
CA MET A 46 0.91 -6.33 -22.76
C MET A 46 0.77 -7.28 -23.94
N GLN A 47 -0.33 -8.02 -24.01
CA GLN A 47 -0.54 -8.91 -25.15
C GLN A 47 -0.66 -8.12 -26.45
N ALA A 48 -1.35 -6.98 -26.41
CA ALA A 48 -1.45 -6.15 -27.61
C ALA A 48 -0.08 -5.70 -28.09
N GLU A 49 0.87 -5.51 -27.18
CA GLU A 49 2.23 -5.16 -27.58
C GLU A 49 3.07 -6.37 -27.95
N GLY A 50 2.51 -7.57 -27.90
CA GLY A 50 3.18 -8.76 -28.36
C GLY A 50 3.68 -9.72 -27.30
N CYS A 51 3.28 -9.57 -26.04
CA CYS A 51 3.74 -10.45 -24.98
C CYS A 51 2.99 -11.79 -25.06
N GLU A 52 3.75 -12.87 -25.14
CA GLU A 52 3.16 -14.19 -25.07
C GLU A 52 2.62 -14.44 -23.67
N ALA A 53 1.34 -14.79 -23.58
CA ALA A 53 0.65 -14.90 -22.29
C ALA A 53 0.55 -16.38 -21.90
N TRP A 54 1.60 -16.87 -21.24
CA TRP A 54 1.51 -18.19 -20.62
C TRP A 54 0.35 -18.24 -19.64
N TYR A 55 0.18 -17.18 -18.86
CA TYR A 55 -0.98 -17.01 -18.00
C TYR A 55 -1.50 -15.59 -18.17
N GLU A 56 -2.79 -15.42 -17.88
CA GLU A 56 -3.40 -14.10 -17.92
C GLU A 56 -3.25 -13.41 -16.58
N MET A 57 -2.95 -12.12 -16.63
CA MET A 57 -2.79 -11.33 -15.40
C MET A 57 -4.00 -11.46 -14.49
N GLU A 58 -5.20 -11.60 -15.05
CA GLU A 58 -6.40 -11.73 -14.23
C GLU A 58 -6.29 -12.89 -13.26
N GLU A 59 -5.57 -13.95 -13.64
CA GLU A 59 -5.44 -15.13 -12.79
C GLU A 59 -4.65 -14.87 -11.52
N LEU A 60 -4.00 -13.71 -11.39
CA LEU A 60 -3.31 -13.33 -10.17
C LEU A 60 -3.94 -12.16 -9.44
N ALA A 61 -4.90 -11.48 -10.06
CA ALA A 61 -5.52 -10.30 -9.46
C ALA A 61 -6.35 -10.67 -8.24
N SER A 72 -5.13 -18.36 -4.35
CA SER A 72 -4.02 -18.69 -3.45
C SER A 72 -3.39 -20.03 -3.83
N ARG A 73 -4.18 -21.09 -3.78
CA ARG A 73 -3.70 -22.39 -4.25
C ARG A 73 -3.36 -22.34 -5.73
N ARG A 74 -4.21 -21.70 -6.53
CA ARG A 74 -3.91 -21.51 -7.95
C ARG A 74 -2.66 -20.68 -8.13
N SER A 75 -2.52 -19.60 -7.35
CA SER A 75 -1.33 -18.74 -7.47
C SER A 75 -0.07 -19.53 -7.16
N SER A 76 -0.09 -20.35 -6.12
CA SER A 76 1.07 -21.16 -5.79
C SER A 76 1.45 -22.08 -6.95
N HIS A 77 0.45 -22.75 -7.52
CA HIS A 77 0.72 -23.63 -8.65
C HIS A 77 1.33 -22.87 -9.82
N ILE A 78 0.77 -21.69 -10.14
CA ILE A 78 1.30 -20.90 -11.26
C ILE A 78 2.75 -20.51 -11.01
N ARG A 79 3.02 -19.99 -9.80
CA ARG A 79 4.40 -19.61 -9.48
C ARG A 79 5.33 -20.80 -9.57
N ALA A 80 4.86 -21.98 -9.16
CA ALA A 80 5.67 -23.20 -9.31
C ALA A 80 5.92 -23.50 -10.77
N ASP A 81 4.86 -23.48 -11.59
CA ASP A 81 5.02 -23.75 -13.01
C ASP A 81 5.96 -22.72 -13.66
N LEU A 82 5.80 -21.44 -13.31
CA LEU A 82 6.66 -20.41 -13.87
C LEU A 82 8.10 -20.57 -13.39
N THR A 83 8.29 -20.93 -12.12
CA THR A 83 9.64 -21.23 -11.64
C THR A 83 10.29 -22.31 -12.51
N LYS A 84 9.54 -23.35 -12.86
CA LYS A 84 10.06 -24.40 -13.72
C LYS A 84 10.35 -23.87 -15.13
N ARG A 85 9.34 -23.25 -15.77
CA ARG A 85 9.44 -22.93 -17.18
C ARG A 85 10.44 -21.80 -17.44
N PHE A 86 10.41 -20.75 -16.61
CA PHE A 86 11.41 -19.70 -16.74
C PHE A 86 12.82 -20.26 -16.52
N GLY A 87 12.96 -21.16 -15.56
CA GLY A 87 14.24 -21.82 -15.36
C GLY A 87 14.72 -22.55 -16.61
N GLU A 88 13.80 -23.23 -17.29
CA GLU A 88 14.14 -23.87 -18.55
C GLU A 88 14.42 -22.84 -19.64
N LEU A 89 13.55 -21.82 -19.74
CA LEU A 89 13.72 -20.81 -20.78
C LEU A 89 15.01 -20.03 -20.62
N LYS A 90 15.43 -19.78 -19.37
CA LYS A 90 16.60 -18.97 -19.08
C LYS A 90 16.51 -17.63 -19.82
N PRO A 91 15.56 -16.78 -19.44
CA PRO A 91 15.44 -15.48 -20.11
C PRO A 91 16.61 -14.57 -19.76
N ASP A 92 16.90 -13.63 -20.67
CA ASP A 92 17.95 -12.67 -20.42
C ASP A 92 17.66 -11.86 -19.17
N VAL A 93 16.40 -11.46 -18.99
CA VAL A 93 15.99 -10.72 -17.80
C VAL A 93 14.57 -11.14 -17.44
N PHE A 94 14.30 -11.24 -16.15
CA PHE A 94 12.95 -11.34 -15.63
C PHE A 94 12.59 -10.05 -14.92
N VAL A 95 11.44 -9.49 -15.24
CA VAL A 95 10.96 -8.26 -14.60
C VAL A 95 9.68 -8.61 -13.85
N GLY A 96 9.73 -8.49 -12.53
CA GLY A 96 8.52 -8.58 -11.73
C GLY A 96 7.90 -7.21 -11.65
N ILE A 97 6.68 -7.06 -12.16
CA ILE A 97 5.99 -5.79 -12.19
C ILE A 97 5.07 -5.74 -10.98
N ASP A 98 5.49 -5.01 -9.95
CA ASP A 98 4.69 -4.84 -8.76
C ASP A 98 4.27 -6.20 -8.24
N ALA A 99 3.06 -6.32 -7.69
CA ALA A 99 2.52 -7.58 -7.20
C ALA A 99 3.55 -8.30 -6.33
N PRO A 100 4.10 -7.64 -5.31
CA PRO A 100 5.24 -8.23 -4.59
C PRO A 100 4.94 -9.54 -3.88
N ASP A 101 3.72 -9.73 -3.37
CA ASP A 101 3.39 -10.99 -2.71
C ASP A 101 3.66 -12.18 -3.61
N PHE A 102 3.56 -12.00 -4.92
CA PHE A 102 3.82 -13.05 -5.89
C PHE A 102 5.23 -12.98 -6.47
N ASN A 103 5.70 -11.78 -6.82
CA ASN A 103 6.90 -11.66 -7.64
C ASN A 103 8.19 -11.74 -6.82
N ILE A 104 8.19 -11.28 -5.57
CA ILE A 104 9.42 -11.31 -4.79
C ILE A 104 9.88 -12.75 -4.59
N THR A 105 8.96 -13.64 -4.20
CA THR A 105 9.32 -15.04 -4.04
C THR A 105 9.76 -15.64 -5.38
N LEU A 106 9.00 -15.36 -6.45
CA LEU A 106 9.38 -15.85 -7.77
C LEU A 106 10.75 -15.33 -8.19
N GLU A 107 10.99 -14.03 -7.97
CA GLU A 107 12.29 -13.47 -8.27
C GLU A 107 13.39 -14.19 -7.50
N GLY A 108 13.11 -14.60 -6.26
CA GLY A 108 14.10 -15.33 -5.50
C GLY A 108 14.35 -16.72 -6.06
N ASN A 109 13.29 -17.41 -6.47
CA ASN A 109 13.46 -18.73 -7.07
C ASN A 109 14.28 -18.66 -8.34
N LEU A 110 14.05 -17.65 -9.17
CA LEU A 110 14.79 -17.54 -10.42
C LEU A 110 16.23 -17.12 -10.17
N LYS A 111 16.44 -16.23 -9.20
CA LYS A 111 17.81 -15.84 -8.84
C LYS A 111 18.61 -17.04 -8.39
N LYS A 112 17.96 -17.99 -7.71
CA LYS A 112 18.64 -19.21 -7.29
C LYS A 112 19.24 -19.95 -8.49
N GLN A 113 18.65 -19.77 -9.68
CA GLN A 113 19.08 -20.47 -10.88
C GLN A 113 19.96 -19.62 -11.79
N GLY A 114 20.46 -18.48 -11.30
CA GLY A 114 21.34 -17.65 -12.09
C GLY A 114 20.66 -16.71 -13.06
N ILE A 115 19.35 -16.51 -12.94
CA ILE A 115 18.63 -15.63 -13.83
C ILE A 115 18.64 -14.22 -13.26
N LYS A 116 18.87 -13.24 -14.11
CA LYS A 116 18.92 -11.85 -13.69
C LYS A 116 17.50 -11.30 -13.52
N THR A 117 17.26 -10.66 -12.38
CA THR A 117 15.91 -10.27 -11.98
C THR A 117 15.86 -8.77 -11.70
N ILE A 118 14.77 -8.14 -12.12
CA ILE A 118 14.44 -6.76 -11.77
C ILE A 118 13.07 -6.75 -11.12
N HIS A 119 12.91 -5.98 -10.04
CA HIS A 119 11.59 -5.72 -9.49
C HIS A 119 11.20 -4.28 -9.78
N TYR A 120 10.04 -4.11 -10.42
CA TYR A 120 9.55 -2.82 -10.86
C TYR A 120 8.51 -2.33 -9.85
N VAL A 121 8.78 -1.15 -9.28
CA VAL A 121 7.92 -0.47 -8.29
C VAL A 121 8.34 -0.87 -6.88
N SER A 122 8.62 0.13 -6.05
CA SER A 122 8.99 -0.10 -4.67
C SER A 122 7.83 -0.74 -3.92
N PRO A 123 8.02 -1.93 -3.29
CA PRO A 123 6.92 -2.57 -2.54
C PRO A 123 6.81 -2.05 -1.11
N SER A 124 6.40 -0.78 -0.99
CA SER A 124 6.46 -0.09 0.29
C SER A 124 5.56 -0.74 1.33
N VAL A 125 4.32 -1.08 0.94
CA VAL A 125 3.40 -1.70 1.88
C VAL A 125 3.86 -3.10 2.23
N TRP A 126 4.34 -3.85 1.24
CA TRP A 126 4.76 -5.23 1.45
C TRP A 126 5.96 -5.31 2.38
N ALA A 127 6.92 -4.38 2.25
CA ALA A 127 8.16 -4.42 3.04
C ALA A 127 7.92 -3.69 4.36
N TRP A 128 7.21 -4.35 5.26
CA TRP A 128 6.79 -3.74 6.52
C TRP A 128 7.83 -3.91 7.63
N ARG A 129 8.91 -4.65 7.39
CA ARG A 129 9.97 -4.78 8.38
C ARG A 129 11.29 -5.05 7.68
N GLN A 130 12.37 -4.92 8.44
CA GLN A 130 13.71 -4.95 7.86
C GLN A 130 14.00 -6.26 7.14
N LYS A 131 13.53 -7.39 7.70
CA LYS A 131 13.80 -8.68 7.08
C LYS A 131 13.32 -8.71 5.64
N ARG A 132 12.19 -8.07 5.35
CA ARG A 132 11.67 -8.08 3.99
C ARG A 132 12.51 -7.21 3.06
N VAL A 133 13.13 -6.15 3.60
CA VAL A 133 14.08 -5.39 2.79
C VAL A 133 15.23 -6.28 2.36
N PHE A 134 15.79 -7.04 3.31
CA PHE A 134 16.86 -7.98 2.97
C PHE A 134 16.40 -8.97 1.92
N LYS A 135 15.15 -9.42 2.00
CA LYS A 135 14.65 -10.37 1.00
C LYS A 135 14.65 -9.74 -0.39
N ILE A 136 14.16 -8.51 -0.50
CA ILE A 136 14.18 -7.82 -1.79
C ILE A 136 15.59 -7.79 -2.36
N GLY A 137 16.57 -7.42 -1.51
CA GLY A 137 17.94 -7.37 -1.98
C GLY A 137 18.44 -8.72 -2.45
N ARG A 138 18.14 -9.78 -1.70
CA ARG A 138 18.54 -11.12 -2.12
C ARG A 138 17.84 -11.55 -3.40
N ALA A 139 16.60 -11.11 -3.60
CA ALA A 139 15.81 -11.63 -4.71
C ALA A 139 16.06 -10.92 -6.03
N THR A 140 16.62 -9.71 -6.00
CA THR A 140 16.73 -8.88 -7.18
C THR A 140 18.18 -8.49 -7.46
N ASP A 141 18.46 -8.23 -8.73
CA ASP A 141 19.67 -7.52 -9.11
C ASP A 141 19.47 -6.01 -9.15
N LEU A 142 18.22 -5.55 -9.23
CA LEU A 142 17.93 -4.12 -9.29
C LEU A 142 16.46 -3.89 -8.97
N VAL A 143 16.18 -2.80 -8.27
CA VAL A 143 14.81 -2.35 -8.00
C VAL A 143 14.61 -1.02 -8.71
N LEU A 144 13.45 -0.86 -9.33
CA LEU A 144 13.08 0.39 -10.00
C LEU A 144 12.06 1.13 -9.14
N ALA A 145 12.40 2.35 -8.75
CA ALA A 145 11.57 3.16 -7.85
C ALA A 145 11.06 4.39 -8.57
N PHE A 146 9.78 4.71 -8.35
CA PHE A 146 9.19 5.90 -8.95
C PHE A 146 9.69 7.18 -8.31
N LEU A 147 10.05 7.14 -7.02
CA LEU A 147 10.24 8.38 -6.28
C LEU A 147 11.63 8.44 -5.65
N PRO A 148 12.17 9.65 -5.47
CA PRO A 148 13.58 9.75 -5.04
C PRO A 148 13.82 9.24 -3.62
N PHE A 149 12.89 9.50 -2.70
CA PHE A 149 13.09 9.05 -1.32
C PHE A 149 13.01 7.54 -1.21
N GLU A 150 12.39 6.86 -2.18
CA GLU A 150 12.42 5.41 -2.19
C GLU A 150 13.81 4.89 -2.53
N LYS A 151 14.49 5.52 -3.49
CA LYS A 151 15.87 5.15 -3.80
C LYS A 151 16.79 5.42 -2.61
N ALA A 152 16.64 6.57 -1.97
CA ALA A 152 17.44 6.88 -0.79
C ALA A 152 17.26 5.80 0.28
N PHE A 153 16.04 5.30 0.43
CA PHE A 153 15.79 4.23 1.39
C PHE A 153 16.63 3.00 1.06
N TYR A 154 16.56 2.53 -0.18
CA TYR A 154 17.30 1.33 -0.56
C TYR A 154 18.80 1.59 -0.56
N ASP A 155 19.23 2.83 -0.82
CA ASP A 155 20.65 3.16 -0.71
C ASP A 155 21.17 2.85 0.69
N LYS A 156 20.39 3.17 1.72
CA LYS A 156 20.82 2.92 3.09
C LYS A 156 21.02 1.43 3.37
N TYR A 157 20.42 0.55 2.57
CA TYR A 157 20.55 -0.89 2.75
C TYR A 157 21.48 -1.53 1.73
N ASN A 158 22.18 -0.73 0.93
CA ASN A 158 23.07 -1.26 -0.11
C ASN A 158 22.32 -2.19 -1.06
N VAL A 159 21.08 -1.82 -1.38
CA VAL A 159 20.25 -2.55 -2.34
C VAL A 159 20.22 -1.73 -3.63
N PRO A 160 20.81 -2.23 -4.72
CA PRO A 160 20.79 -1.46 -5.98
C PRO A 160 19.37 -1.05 -6.36
N CYS A 161 19.19 0.26 -6.57
CA CYS A 161 17.90 0.83 -6.92
C CYS A 161 18.12 2.00 -7.85
N ARG A 162 17.35 2.05 -8.93
CA ARG A 162 17.40 3.14 -9.90
C ARG A 162 16.13 3.96 -9.79
N PHE A 163 16.29 5.25 -9.56
CA PHE A 163 15.16 6.18 -9.58
C PHE A 163 14.84 6.53 -11.04
N ILE A 164 13.63 6.16 -11.48
CA ILE A 164 13.24 6.29 -12.88
C ILE A 164 12.17 7.35 -13.09
N GLY A 165 11.72 8.02 -12.03
CA GLY A 165 10.60 8.92 -12.12
C GLY A 165 9.28 8.18 -12.12
N HIS A 166 8.20 8.95 -12.04
CA HIS A 166 6.86 8.40 -11.93
C HIS A 166 6.14 8.49 -13.27
N THR A 167 5.56 7.37 -13.70
CA THR A 167 4.88 7.33 -15.00
C THR A 167 3.74 8.33 -15.07
N MET A 168 3.02 8.53 -13.96
CA MET A 168 1.91 9.47 -13.96
C MET A 168 2.39 10.88 -14.23
N ALA A 169 3.64 11.20 -13.87
CA ALA A 169 4.20 12.50 -14.20
C ALA A 169 4.46 12.65 -15.70
N ASP A 170 4.79 11.55 -16.38
CA ASP A 170 4.91 11.60 -17.83
C ASP A 170 3.54 11.77 -18.48
N ALA A 171 2.50 11.17 -17.89
CA ALA A 171 1.18 11.17 -18.50
C ALA A 171 0.42 12.48 -18.28
N MET A 172 0.80 13.29 -17.29
CA MET A 172 0.04 14.48 -16.95
C MET A 172 0.84 15.73 -17.29
N PRO A 173 0.24 16.72 -17.95
CA PRO A 173 1.00 17.91 -18.35
C PRO A 173 1.35 18.78 -17.15
N LEU A 174 2.44 19.53 -17.31
CA LEU A 174 2.86 20.45 -16.25
C LEU A 174 1.79 21.50 -15.97
N ASP A 175 1.09 21.94 -17.02
CA ASP A 175 0.07 23.00 -16.91
C ASP A 175 -1.26 22.47 -17.46
N PRO A 176 -2.07 21.82 -16.63
CA PRO A 176 -3.37 21.33 -17.10
C PRO A 176 -4.35 22.48 -17.28
N ASP A 177 -5.42 22.19 -18.02
CA ASP A 177 -6.42 23.19 -18.40
C ASP A 177 -7.60 23.08 -17.43
N LYS A 178 -7.64 23.97 -16.44
CA LYS A 178 -8.74 23.96 -15.48
C LYS A 178 -10.08 24.21 -16.16
N ASN A 179 -10.13 25.18 -17.08
CA ASN A 179 -11.41 25.49 -17.74
C ASN A 179 -11.90 24.31 -18.57
N ALA A 180 -10.99 23.59 -19.21
CA ALA A 180 -11.39 22.43 -20.01
C ALA A 180 -12.00 21.36 -19.11
N ALA A 181 -11.37 21.06 -17.98
CA ALA A 181 -11.91 20.06 -17.07
C ALA A 181 -13.27 20.49 -16.54
N ARG A 182 -13.46 21.78 -16.29
CA ARG A 182 -14.76 22.28 -15.84
C ARG A 182 -15.82 22.08 -16.92
N ASP A 183 -15.46 22.32 -18.19
CA ASP A 183 -16.41 22.09 -19.27
C ASP A 183 -16.83 20.63 -19.34
N VAL A 184 -15.88 19.72 -19.13
CA VAL A 184 -16.20 18.29 -19.12
C VAL A 184 -17.20 17.98 -18.02
N LEU A 185 -16.96 18.50 -16.82
CA LEU A 185 -17.81 18.21 -15.67
C LEU A 185 -19.05 19.08 -15.61
N GLY A 186 -19.12 20.15 -16.39
CA GLY A 186 -20.25 21.06 -16.34
C GLY A 186 -20.20 22.01 -15.16
N ILE A 187 -19.00 22.46 -14.79
CA ILE A 187 -18.82 23.38 -13.67
C ILE A 187 -18.66 24.78 -14.24
N PRO A 188 -19.35 25.79 -13.71
CA PRO A 188 -19.18 27.15 -14.23
C PRO A 188 -17.79 27.70 -13.90
N HIS A 189 -17.24 28.49 -14.84
CA HIS A 189 -15.89 28.99 -14.72
C HIS A 189 -15.76 30.07 -13.65
N ASP A 190 -16.84 30.74 -13.29
CA ASP A 190 -16.77 31.85 -12.34
C ASP A 190 -16.97 31.41 -10.90
N ALA A 191 -17.28 30.14 -10.65
CA ALA A 191 -17.61 29.66 -9.32
C ALA A 191 -16.39 29.04 -8.65
N HIS A 192 -16.36 29.12 -7.33
CA HIS A 192 -15.39 28.38 -6.54
C HIS A 192 -15.81 26.92 -6.47
N CYS A 193 -14.83 26.02 -6.52
CA CYS A 193 -15.10 24.58 -6.63
C CYS A 193 -14.23 23.83 -5.64
N LEU A 194 -14.85 22.92 -4.88
CA LEU A 194 -14.16 22.10 -3.90
C LEU A 194 -14.35 20.63 -4.26
N ALA A 195 -13.25 19.88 -4.28
CA ALA A 195 -13.28 18.45 -4.51
C ALA A 195 -13.18 17.72 -3.18
N LEU A 196 -14.07 16.76 -2.97
CA LEU A 196 -14.04 15.89 -1.79
C LEU A 196 -13.69 14.47 -2.25
N LEU A 197 -12.56 13.96 -1.79
CA LEU A 197 -12.11 12.61 -2.11
C LEU A 197 -12.02 11.84 -0.78
N PRO A 198 -13.15 11.30 -0.31
CA PRO A 198 -13.16 10.64 1.02
C PRO A 198 -12.33 9.37 1.08
N GLY A 199 -11.85 8.86 -0.05
CA GLY A 199 -10.97 7.71 -0.06
C GLY A 199 -11.53 6.57 -0.88
N SER A 200 -10.64 5.61 -1.14
CA SER A 200 -10.98 4.44 -1.95
C SER A 200 -11.35 3.21 -1.12
N ARG A 201 -10.97 3.17 0.15
CA ARG A 201 -11.23 2.02 1.01
C ARG A 201 -12.43 2.28 1.90
N GLY A 202 -12.96 1.19 2.47
CA GLY A 202 -14.20 1.29 3.22
C GLY A 202 -14.05 2.01 4.54
N ALA A 203 -13.07 1.59 5.36
CA ALA A 203 -12.84 2.25 6.64
C ALA A 203 -12.67 3.75 6.45
N GLU A 204 -12.02 4.16 5.36
CA GLU A 204 -11.83 5.58 5.09
C GLU A 204 -13.16 6.28 4.90
N VAL A 205 -14.00 5.76 4.00
CA VAL A 205 -15.23 6.45 3.62
C VAL A 205 -16.12 6.65 4.84
N GLU A 206 -16.32 5.60 5.63
CA GLU A 206 -17.22 5.66 6.78
C GLU A 206 -16.98 6.91 7.62
N SER A 207 -15.83 6.98 8.28
CA SER A 207 -15.56 8.07 9.20
C SER A 207 -15.43 9.40 8.47
N LEU A 208 -14.60 9.44 7.43
CA LEU A 208 -14.20 10.69 6.82
C LEU A 208 -15.29 11.32 5.95
N SER A 209 -16.22 10.52 5.43
CA SER A 209 -17.26 11.07 4.56
C SER A 209 -18.11 12.10 5.30
N ALA A 210 -18.58 11.75 6.50
CA ALA A 210 -19.44 12.66 7.25
C ALA A 210 -18.70 13.95 7.58
N ASP A 211 -17.45 13.86 8.02
CA ASP A 211 -16.71 15.05 8.37
C ASP A 211 -16.37 15.89 7.15
N PHE A 212 -16.12 15.26 5.99
CA PHE A 212 -15.89 16.02 4.77
C PHE A 212 -17.15 16.77 4.34
N LEU A 213 -18.31 16.12 4.45
CA LEU A 213 -19.57 16.78 4.14
C LEU A 213 -19.82 17.94 5.08
N LYS A 214 -19.61 17.74 6.38
CA LYS A 214 -19.76 18.82 7.34
C LYS A 214 -18.81 19.97 7.02
N THR A 215 -17.58 19.64 6.60
CA THR A 215 -16.63 20.68 6.22
C THR A 215 -17.19 21.51 5.07
N ALA A 216 -17.76 20.85 4.06
CA ALA A 216 -18.32 21.58 2.94
C ALA A 216 -19.47 22.48 3.38
N GLN A 217 -20.37 21.96 4.23
CA GLN A 217 -21.45 22.78 4.76
C GLN A 217 -20.90 24.05 5.39
N LEU A 218 -19.83 23.93 6.19
CA LEU A 218 -19.23 25.12 6.79
C LEU A 218 -18.71 26.07 5.73
N LEU A 219 -18.08 25.54 4.69
CA LEU A 219 -17.53 26.41 3.65
C LEU A 219 -18.63 27.10 2.84
N ARG A 220 -19.82 26.50 2.78
CA ARG A 220 -20.92 27.16 2.08
C ARG A 220 -21.35 28.44 2.78
N GLN A 221 -21.14 28.54 4.09
CA GLN A 221 -21.49 29.77 4.80
C GLN A 221 -20.65 30.94 4.31
N THR A 222 -19.43 30.68 3.86
CA THR A 222 -18.59 31.71 3.25
C THR A 222 -18.79 31.80 1.74
N TYR A 223 -18.91 30.64 1.07
CA TYR A 223 -19.09 30.56 -0.38
C TYR A 223 -20.45 29.94 -0.65
N PRO A 224 -21.53 30.72 -0.62
CA PRO A 224 -22.87 30.13 -0.80
C PRO A 224 -23.06 29.43 -2.13
N ASP A 225 -22.32 29.83 -3.18
CA ASP A 225 -22.41 29.18 -4.48
C ASP A 225 -21.23 28.23 -4.73
N LEU A 226 -20.64 27.67 -3.66
CA LEU A 226 -19.53 26.76 -3.82
C LEU A 226 -19.97 25.48 -4.49
N GLU A 227 -19.28 25.11 -5.58
CA GLU A 227 -19.52 23.83 -6.23
C GLU A 227 -18.74 22.74 -5.51
N ILE A 228 -19.39 21.59 -5.31
CA ILE A 228 -18.83 20.47 -4.56
C ILE A 228 -18.89 19.25 -5.45
N VAL A 229 -17.71 18.73 -5.84
CA VAL A 229 -17.62 17.55 -6.70
C VAL A 229 -17.01 16.41 -5.90
N VAL A 230 -17.63 15.24 -6.01
CA VAL A 230 -17.21 14.07 -5.23
C VAL A 230 -16.94 12.91 -6.18
N PRO A 231 -15.69 12.62 -6.53
CA PRO A 231 -15.39 11.45 -7.35
C PRO A 231 -15.51 10.17 -6.54
N LEU A 232 -16.32 9.24 -7.03
CA LEU A 232 -16.55 7.96 -6.37
C LEU A 232 -16.07 6.84 -7.27
N VAL A 233 -15.24 5.95 -6.72
CA VAL A 233 -14.46 5.04 -7.55
C VAL A 233 -15.30 3.89 -8.11
N ASN A 234 -16.35 3.46 -7.40
CA ASN A 234 -17.17 2.36 -7.89
C ASN A 234 -18.56 2.45 -7.27
N ALA A 235 -19.43 1.54 -7.72
CA ALA A 235 -20.84 1.59 -7.33
C ALA A 235 -21.00 1.37 -5.82
N LYS A 236 -20.27 0.42 -5.26
CA LYS A 236 -20.37 0.18 -3.83
C LYS A 236 -19.99 1.43 -3.04
N ARG A 237 -18.85 2.03 -3.38
CA ARG A 237 -18.42 3.25 -2.71
C ARG A 237 -19.44 4.36 -2.88
N ARG A 238 -20.06 4.44 -4.07
CA ARG A 238 -21.09 5.46 -4.28
C ARG A 238 -22.28 5.23 -3.37
N GLU A 239 -22.80 4.00 -3.35
CA GLU A 239 -23.92 3.68 -2.46
C GLU A 239 -23.57 4.02 -1.01
N GLN A 240 -22.33 3.75 -0.60
CA GLN A 240 -21.90 4.07 0.75
C GLN A 240 -22.01 5.58 1.00
N PHE A 241 -21.42 6.39 0.12
CA PHE A 241 -21.42 7.83 0.31
C PHE A 241 -22.83 8.39 0.31
N GLU A 242 -23.67 7.93 -0.62
CA GLU A 242 -25.06 8.38 -0.65
C GLU A 242 -25.77 8.09 0.67
N ARG A 243 -25.57 6.89 1.20
CA ARG A 243 -26.22 6.52 2.46
C ARG A 243 -25.73 7.40 3.60
N ILE A 244 -24.44 7.72 3.62
CA ILE A 244 -23.91 8.62 4.64
C ILE A 244 -24.48 10.01 4.46
N LYS A 245 -24.60 10.47 3.22
CA LYS A 245 -25.10 11.82 2.95
C LYS A 245 -26.58 11.95 3.29
N ALA A 246 -27.34 10.87 3.13
CA ALA A 246 -28.76 10.92 3.45
C ALA A 246 -28.98 11.35 4.90
N GLU A 247 -28.12 10.89 5.82
CA GLU A 247 -28.22 11.24 7.22
C GLU A 247 -27.52 12.55 7.55
N VAL A 248 -26.26 12.70 7.10
CA VAL A 248 -25.43 13.80 7.57
C VAL A 248 -25.87 15.11 6.95
N ALA A 249 -26.09 15.14 5.63
CA ALA A 249 -26.41 16.37 4.91
C ALA A 249 -27.24 16.04 3.68
N PRO A 250 -28.53 15.71 3.87
CA PRO A 250 -29.39 15.42 2.71
C PRO A 250 -29.71 16.65 1.87
N ASP A 251 -29.66 17.84 2.45
CA ASP A 251 -30.01 19.07 1.75
C ASP A 251 -28.81 19.80 1.17
N LEU A 252 -27.65 19.15 1.11
CA LEU A 252 -26.45 19.73 0.51
C LEU A 252 -26.36 19.26 -0.94
N SER A 253 -26.31 20.20 -1.86
CA SER A 253 -26.19 19.87 -3.28
C SER A 253 -24.73 19.64 -3.65
N VAL A 254 -24.43 18.47 -4.22
CA VAL A 254 -23.09 18.13 -4.65
C VAL A 254 -23.17 17.41 -5.99
N HIS A 255 -22.03 17.38 -6.69
CA HIS A 255 -21.89 16.62 -7.92
C HIS A 255 -21.25 15.28 -7.57
N LEU A 256 -22.03 14.21 -7.65
CA LEU A 256 -21.51 12.86 -7.47
C LEU A 256 -21.06 12.31 -8.83
N LEU A 257 -19.78 11.96 -8.92
CA LEU A 257 -19.19 11.51 -10.17
C LEU A 257 -18.85 10.03 -10.10
N ASP A 258 -19.00 9.35 -11.24
CA ASP A 258 -18.50 7.99 -11.41
C ASP A 258 -17.06 8.11 -11.89
N GLY A 259 -16.10 7.88 -10.98
CA GLY A 259 -14.71 8.09 -11.31
C GLY A 259 -14.42 9.55 -11.57
N MET A 260 -13.53 9.81 -12.53
CA MET A 260 -13.21 11.16 -12.98
C MET A 260 -12.59 12.00 -11.86
N GLY A 261 -11.75 11.37 -11.05
CA GLY A 261 -11.08 12.09 -9.99
C GLY A 261 -10.06 13.08 -10.52
N ARG A 262 -9.37 12.72 -11.61
CA ARG A 262 -8.40 13.63 -12.20
C ARG A 262 -9.08 14.89 -12.71
N GLU A 263 -10.20 14.74 -13.41
CA GLU A 263 -10.92 15.91 -13.91
C GLU A 263 -11.40 16.78 -12.75
N ALA A 264 -11.92 16.15 -11.69
CA ALA A 264 -12.39 16.89 -10.53
C ALA A 264 -11.28 17.71 -9.90
N MET A 265 -10.08 17.14 -9.82
CA MET A 265 -8.97 17.84 -9.18
C MET A 265 -8.44 18.96 -10.07
N VAL A 266 -8.29 18.70 -11.37
CA VAL A 266 -7.85 19.74 -12.29
C VAL A 266 -8.84 20.90 -12.30
N ALA A 267 -10.13 20.60 -12.16
CA ALA A 267 -11.15 21.64 -12.23
C ALA A 267 -11.24 22.45 -10.94
N SER A 268 -10.93 21.85 -9.80
CA SER A 268 -11.27 22.48 -8.53
C SER A 268 -10.25 23.53 -8.12
N ASP A 269 -10.70 24.45 -7.27
CA ASP A 269 -9.81 25.42 -6.65
C ASP A 269 -9.16 24.89 -5.39
N ALA A 270 -9.71 23.84 -4.79
CA ALA A 270 -9.12 23.20 -3.62
C ALA A 270 -9.69 21.79 -3.50
N ALA A 271 -8.94 20.92 -2.83
CA ALA A 271 -9.32 19.53 -2.68
C ALA A 271 -9.12 19.09 -1.24
N LEU A 272 -10.08 18.34 -0.73
CA LEU A 272 -10.02 17.74 0.61
C LEU A 272 -9.86 16.24 0.42
N LEU A 273 -8.70 15.72 0.80
CA LEU A 273 -8.27 14.36 0.47
C LEU A 273 -8.10 13.53 1.72
N ALA A 274 -8.61 12.30 1.69
CA ALA A 274 -8.30 11.35 2.74
C ALA A 274 -6.97 10.65 2.50
N SER A 275 -6.62 10.41 1.23
CA SER A 275 -5.49 9.56 0.89
C SER A 275 -4.24 10.40 0.63
N GLY A 276 -3.21 10.18 1.45
CA GLY A 276 -1.90 10.74 1.15
C GLY A 276 -1.28 10.18 -0.12
N THR A 277 -1.91 9.18 -0.73
CA THR A 277 -1.46 8.60 -2.00
C THR A 277 -2.09 9.32 -3.19
N ALA A 278 -3.41 9.53 -3.17
CA ALA A 278 -4.07 10.33 -4.18
C ALA A 278 -3.56 11.77 -4.18
N ALA A 279 -2.88 12.18 -3.11
CA ALA A 279 -2.31 13.52 -3.06
C ALA A 279 -1.29 13.74 -4.17
N LEU A 280 -0.67 12.67 -4.68
CA LEU A 280 0.26 12.82 -5.79
C LEU A 280 -0.47 13.27 -7.05
N GLU A 281 -1.55 12.56 -7.41
CA GLU A 281 -2.33 12.96 -8.58
C GLU A 281 -2.91 14.36 -8.40
N CYS A 282 -3.29 14.72 -7.17
CA CYS A 282 -3.74 16.07 -6.89
C CYS A 282 -2.60 17.07 -7.10
N MET A 283 -1.40 16.71 -6.70
CA MET A 283 -0.23 17.57 -6.92
C MET A 283 0.00 17.79 -8.41
N LEU A 284 -0.02 16.71 -9.20
CA LEU A 284 0.17 16.83 -10.63
C LEU A 284 -0.98 17.57 -11.30
N SER A 285 -2.16 17.57 -10.69
CA SER A 285 -3.28 18.37 -11.19
C SER A 285 -3.12 19.86 -10.85
N LYS A 286 -2.12 20.23 -10.05
CA LYS A 286 -1.91 21.61 -9.63
C LYS A 286 -3.10 22.12 -8.82
N CYS A 287 -3.69 21.24 -8.01
CA CYS A 287 -4.82 21.59 -7.18
C CYS A 287 -4.38 21.70 -5.73
N PRO A 288 -4.40 22.88 -5.11
CA PRO A 288 -4.11 22.97 -3.68
C PRO A 288 -4.98 21.99 -2.90
N MET A 289 -4.42 21.45 -1.82
CA MET A 289 -5.08 20.35 -1.13
C MET A 289 -4.88 20.46 0.37
N VAL A 290 -5.82 19.86 1.10
CA VAL A 290 -5.69 19.60 2.53
C VAL A 290 -5.92 18.12 2.73
N VAL A 291 -5.05 17.48 3.51
CA VAL A 291 -5.09 16.03 3.73
C VAL A 291 -5.59 15.79 5.15
N GLY A 292 -6.76 15.17 5.25
CA GLY A 292 -7.31 14.77 6.54
C GLY A 292 -7.48 13.27 6.61
N TYR A 293 -6.95 12.64 7.66
CA TYR A 293 -7.03 11.20 7.77
C TYR A 293 -7.12 10.80 9.23
N ARG A 294 -7.90 9.75 9.50
CA ARG A 294 -8.06 9.19 10.83
C ARG A 294 -7.89 7.68 10.77
N MET A 295 -7.22 7.13 11.78
CA MET A 295 -7.20 5.69 11.97
C MET A 295 -7.49 5.40 13.44
N LYS A 296 -7.94 4.18 13.70
CA LYS A 296 -8.25 3.76 15.05
C LYS A 296 -7.06 4.05 15.97
N PRO A 297 -7.25 4.80 17.06
CA PRO A 297 -6.10 5.06 17.96
C PRO A 297 -5.45 3.79 18.47
N PHE A 298 -6.25 2.81 18.89
CA PHE A 298 -5.68 1.55 19.37
C PHE A 298 -4.81 0.90 18.30
N THR A 299 -5.24 0.95 17.04
CA THR A 299 -4.45 0.39 15.95
C THR A 299 -3.13 1.14 15.78
N PHE A 300 -3.19 2.48 15.79
CA PHE A 300 -1.98 3.27 15.64
C PHE A 300 -1.04 3.06 16.82
N TRP A 301 -1.59 3.02 18.03
CA TRP A 301 -0.76 2.80 19.22
C TRP A 301 -0.02 1.47 19.10
N LEU A 302 -0.72 0.42 18.69
CA LEU A 302 -0.10 -0.89 18.55
C LEU A 302 0.99 -0.87 17.48
N ALA A 303 0.70 -0.28 16.33
CA ALA A 303 1.71 -0.19 15.26
C ALA A 303 2.92 0.61 15.74
N LYS A 304 2.68 1.76 16.36
CA LYS A 304 3.79 2.58 16.85
C LYS A 304 4.62 1.81 17.88
N ARG A 305 3.96 1.07 18.78
CA ARG A 305 4.69 0.25 19.74
C ARG A 305 5.62 -0.72 19.01
N LEU A 306 5.11 -1.39 17.98
CA LEU A 306 5.92 -2.35 17.23
C LEU A 306 7.09 -1.65 16.54
N VAL A 307 6.83 -0.49 15.92
CA VAL A 307 7.90 0.22 15.22
C VAL A 307 8.99 0.65 16.21
N LYS A 308 8.59 1.12 17.40
CA LYS A 308 9.55 1.67 18.34
C LYS A 308 10.31 0.62 19.12
N THR A 309 9.69 -0.53 19.41
CA THR A 309 10.28 -1.52 20.30
C THR A 309 10.52 -2.88 19.66
N ASP A 310 9.94 -3.15 18.49
CA ASP A 310 9.98 -4.45 17.83
C ASP A 310 9.14 -5.50 18.54
N TYR A 311 8.46 -5.13 19.63
CA TYR A 311 7.59 -6.03 20.37
C TYR A 311 6.16 -5.50 20.34
N VAL A 312 5.23 -6.38 20.71
CA VAL A 312 3.82 -6.01 20.81
C VAL A 312 3.19 -6.42 22.13
N SER A 313 3.77 -7.37 22.85
CA SER A 313 3.17 -7.92 24.06
C SER A 313 3.87 -7.37 25.30
N LEU A 314 3.10 -7.13 26.36
CA LEU A 314 3.67 -6.58 27.58
C LEU A 314 4.74 -7.47 28.21
N PRO A 315 4.58 -8.80 28.25
CA PRO A 315 5.66 -9.62 28.83
C PRO A 315 7.02 -9.35 28.22
N ASN A 316 7.10 -9.19 26.89
CA ASN A 316 8.39 -8.95 26.27
C ASN A 316 8.90 -7.53 26.55
N LEU A 317 8.00 -6.55 26.62
CA LEU A 317 8.43 -5.21 27.03
C LEU A 317 8.95 -5.21 28.46
N LEU A 318 8.34 -6.00 29.34
CA LEU A 318 8.79 -6.07 30.72
C LEU A 318 10.12 -6.82 30.84
N ALA A 319 10.31 -7.85 30.02
CA ALA A 319 11.53 -8.65 30.07
C ALA A 319 12.66 -8.06 29.25
N GLY A 320 12.35 -7.29 28.21
CA GLY A 320 13.38 -6.74 27.35
C GLY A 320 13.95 -7.72 26.35
N ARG A 321 13.18 -8.74 25.97
CA ARG A 321 13.61 -9.74 24.99
C ARG A 321 12.37 -10.49 24.53
N GLU A 322 12.55 -11.40 23.58
CA GLU A 322 11.42 -12.22 23.11
C GLU A 322 11.23 -13.42 24.04
N LEU A 323 10.90 -13.09 25.29
CA LEU A 323 10.50 -14.12 26.25
C LEU A 323 9.32 -14.93 25.71
N VAL A 324 8.39 -14.26 25.05
CA VAL A 324 7.19 -14.87 24.49
C VAL A 324 7.27 -14.78 22.98
N LYS A 325 6.86 -15.84 22.30
CA LYS A 325 6.87 -15.87 20.85
C LYS A 325 5.76 -14.99 20.28
N GLU A 326 6.13 -14.03 19.43
CA GLU A 326 5.18 -13.17 18.74
C GLU A 326 5.23 -13.47 17.25
N LEU A 327 4.08 -13.83 16.68
CA LEU A 327 3.97 -14.13 15.25
C LEU A 327 3.00 -13.13 14.64
N LEU A 328 3.53 -12.21 13.83
CA LEU A 328 2.78 -11.07 13.34
C LEU A 328 2.67 -11.09 11.82
N GLN A 329 1.59 -10.51 11.31
CA GLN A 329 1.34 -10.34 9.87
C GLN A 329 1.45 -11.71 9.21
N GLU A 330 2.23 -11.87 8.13
CA GLU A 330 2.24 -13.12 7.39
C GLU A 330 2.68 -14.30 8.26
N GLU A 331 3.37 -14.03 9.37
CA GLU A 331 3.78 -15.12 10.26
C GLU A 331 2.65 -15.60 11.16
N CYS A 332 1.57 -14.82 11.30
CA CYS A 332 0.41 -15.25 12.08
C CYS A 332 -0.40 -16.20 11.20
N GLU A 333 0.02 -17.45 11.19
CA GLU A 333 -0.50 -18.45 10.28
C GLU A 333 -0.58 -19.79 11.01
N PRO A 334 -1.66 -20.56 10.81
CA PRO A 334 -1.87 -21.75 11.65
C PRO A 334 -0.65 -22.64 11.84
N GLN A 335 0.05 -23.01 10.76
CA GLN A 335 1.18 -23.93 10.89
C GLN A 335 2.23 -23.39 11.83
N LYS A 336 2.54 -22.10 11.73
CA LYS A 336 3.56 -21.50 12.58
C LYS A 336 3.06 -21.34 14.02
N LEU A 337 1.78 -20.97 14.18
CA LEU A 337 1.22 -20.86 15.53
C LEU A 337 1.23 -22.21 16.23
N ALA A 338 0.80 -23.26 15.54
CA ALA A 338 0.81 -24.59 16.13
C ALA A 338 2.24 -25.02 16.48
N ALA A 339 3.19 -24.74 15.58
CA ALA A 339 4.58 -25.10 15.86
C ALA A 339 5.10 -24.39 17.10
N ALA A 340 4.65 -23.15 17.34
CA ALA A 340 5.09 -22.41 18.52
C ALA A 340 4.41 -22.92 19.80
N LEU A 341 3.21 -23.48 19.69
CA LEU A 341 2.47 -23.93 20.86
C LEU A 341 2.84 -25.35 21.29
N LEU A 342 3.25 -26.20 20.37
CA LEU A 342 3.58 -27.59 20.72
C LEU A 342 4.57 -27.69 21.88
N PRO A 343 5.73 -27.01 21.84
CA PRO A 343 6.65 -27.14 22.99
C PRO A 343 6.05 -26.70 24.31
N LEU A 344 5.08 -25.78 24.30
CA LEU A 344 4.47 -25.31 25.53
C LEU A 344 3.41 -26.29 26.04
N LEU A 345 2.62 -26.86 25.13
CA LEU A 345 1.62 -27.85 25.55
C LEU A 345 2.28 -29.07 26.15
N ALA A 346 3.53 -29.37 25.77
CA ALA A 346 4.25 -30.48 26.37
C ALA A 346 4.32 -30.34 27.89
N ASN A 347 4.27 -29.11 28.40
CA ASN A 347 4.25 -28.87 29.84
C ASN A 347 5.51 -29.41 30.49
N GLY A 348 6.66 -29.23 29.82
CA GLY A 348 7.91 -29.77 30.31
C GLY A 348 8.87 -28.71 30.82
N LYS A 349 10.15 -28.85 30.46
CA LYS A 349 11.18 -27.97 31.02
C LYS A 349 11.02 -26.54 30.53
N THR A 350 10.85 -26.36 29.22
CA THR A 350 10.74 -25.01 28.67
C THR A 350 9.53 -24.28 29.26
N SER A 351 8.44 -25.02 29.50
CA SER A 351 7.26 -24.42 30.11
C SER A 351 7.53 -23.99 31.56
N HIS A 352 8.27 -24.82 32.31
CA HIS A 352 8.60 -24.45 33.68
C HIS A 352 9.55 -23.26 33.74
N ALA A 353 10.43 -23.11 32.75
CA ALA A 353 11.34 -21.96 32.72
C ALA A 353 10.57 -20.67 32.49
N MET A 354 9.64 -20.69 31.53
CA MET A 354 8.78 -19.52 31.33
C MET A 354 7.97 -19.22 32.59
N HIS A 355 7.44 -20.27 33.23
CA HIS A 355 6.73 -20.11 34.49
C HIS A 355 7.57 -19.35 35.51
N ASP A 356 8.83 -19.75 35.67
CA ASP A 356 9.69 -19.10 36.66
C ASP A 356 9.93 -17.64 36.30
N THR A 357 10.18 -17.35 35.02
CA THR A 357 10.39 -15.96 34.62
C THR A 357 9.13 -15.13 34.84
N PHE A 358 7.96 -15.67 34.50
CA PHE A 358 6.72 -14.97 34.77
C PHE A 358 6.58 -14.65 36.26
N ARG A 359 7.07 -15.53 37.12
CA ARG A 359 6.96 -15.30 38.56
C ARG A 359 7.86 -14.14 38.99
N GLU A 360 9.06 -14.03 38.41
CA GLU A 360 9.94 -12.91 38.73
C GLU A 360 9.35 -11.59 38.25
N LEU A 361 8.83 -11.58 37.02
CA LEU A 361 8.21 -10.36 36.52
C LEU A 361 6.99 -9.98 37.34
N HIS A 362 6.17 -10.96 37.71
CA HIS A 362 5.04 -10.70 38.60
C HIS A 362 5.49 -9.98 39.86
N GLN A 363 6.56 -10.48 40.48
CA GLN A 363 7.08 -9.84 41.69
C GLN A 363 7.52 -8.42 41.42
N GLN A 364 8.14 -8.17 40.26
CA GLN A 364 8.67 -6.84 39.95
C GLN A 364 7.58 -5.79 39.82
N ILE A 365 6.35 -6.16 39.50
CA ILE A 365 5.25 -5.20 39.35
C ILE A 365 4.22 -5.34 40.47
N ARG A 366 4.54 -6.08 41.53
CA ARG A 366 3.65 -6.28 42.67
C ARG A 366 4.15 -5.39 43.80
N CYS A 367 3.50 -4.24 43.99
CA CYS A 367 4.00 -3.21 44.89
C CYS A 367 2.94 -2.66 45.84
N ASN A 368 1.72 -3.18 45.82
CA ASN A 368 0.59 -2.59 46.55
C ASN A 368 0.29 -1.19 45.99
N ALA A 369 -0.21 -1.19 44.76
CA ALA A 369 -0.41 0.05 44.02
C ALA A 369 -1.39 0.98 44.72
N ASP A 370 -2.46 0.43 45.30
CA ASP A 370 -3.40 1.26 46.03
C ASP A 370 -2.68 2.12 47.08
N GLU A 371 -1.80 1.48 47.86
CA GLU A 371 -1.06 2.21 48.89
C GLU A 371 -0.10 3.23 48.28
N GLN A 372 0.59 2.85 47.20
CA GLN A 372 1.48 3.79 46.52
C GLN A 372 0.72 5.03 46.06
N ALA A 373 -0.42 4.82 45.39
CA ALA A 373 -1.21 5.96 44.92
C ALA A 373 -1.65 6.84 46.09
N ALA A 374 -2.06 6.23 47.21
CA ALA A 374 -2.46 7.00 48.37
C ALA A 374 -1.28 7.82 48.91
N GLN A 375 -0.09 7.23 48.99
CA GLN A 375 1.07 7.96 49.44
C GLN A 375 1.36 9.15 48.55
N ALA A 376 1.26 8.95 47.22
CA ALA A 376 1.55 10.04 46.29
C ALA A 376 0.56 11.20 46.48
N VAL A 377 -0.71 10.88 46.70
CA VAL A 377 -1.70 11.92 46.97
C VAL A 377 -1.33 12.69 48.22
N LEU A 378 -1.00 11.97 49.30
CA LEU A 378 -0.71 12.62 50.57
C LEU A 378 0.55 13.47 50.48
N GLU A 379 1.58 12.99 49.77
CA GLU A 379 2.79 13.77 49.63
C GLU A 379 2.54 15.05 48.84
N LEU A 380 1.69 14.97 47.81
CA LEU A 380 1.36 16.16 47.04
C LEU A 380 0.48 17.10 47.83
N ALA A 381 -0.31 16.59 48.77
CA ALA A 381 -1.21 17.42 49.55
C ALA A 381 -0.51 18.14 50.69
N GLN A 382 0.63 17.64 51.15
CA GLN A 382 1.35 18.25 52.28
C GLN A 382 2.41 19.21 51.77
#